data_6DCD
#
_entry.id   6DCD
#
_cell.length_a   80.570
_cell.length_b   80.570
_cell.length_c   134.760
_cell.angle_alpha   90.000
_cell.angle_beta   90.000
_cell.angle_gamma   120.000
#
_symmetry.space_group_name_H-M   'P 31 2 1'
#
loop_
_entity.id
_entity.type
_entity.pdbx_description
1 polymer 'Cytochrome P450 150A6 Cyp150A6'
2 non-polymer 'PROTOPORPHYRIN IX CONTAINING FE'
3 water water
#
_entity_poly.entity_id   1
_entity_poly.type   'polypeptide(L)'
_entity_poly.pdbx_seq_one_letter_code
;MSSYESIDFFTDPSLIPDPHPYFDYLRSQSPVLRLPQYGVVAVTGYEEATAVYKDTDSFSNCVALGGPFPPLPFAPNGDD
VNAQIDAHREQFPMYEHMVTMDPPEHSRARSILSRLLTPSRLKQNEEFMWRLADRQLDEFLGAGECEFISEYAKPFATLV
IADLLGVPEDDRKDFRVVLGADRMGRVGALDHESVGVNPLQWLDDKFSAYIEDRRRQPRNDVLTALATATYPDGSTPEVI
DVVRSATFLFAAGQETTAKLLTAAMRVLGDRPDIQRRLRENRSLIPNFIEESLRMDSPVKSDSRLARKRTTVGGLDIAAG
TVVMVLPGAANRDPRRFEDPHEFRLDRPNVREHMAFARGVHSCPGGPLARVEGRVSLERILDRMLDIAINEDRHGPADDR
RYTYEPTYILRGLTELHITFTPAG
;
_entity_poly.pdbx_strand_id   A
#
# COMPACT_ATOMS: atom_id res chain seq x y z
N SER A 3 -12.79 -17.23 -21.46
CA SER A 3 -11.36 -17.06 -21.71
C SER A 3 -10.92 -15.64 -21.40
N TYR A 4 -9.61 -15.43 -21.31
CA TYR A 4 -9.07 -14.11 -20.98
C TYR A 4 -9.39 -13.06 -22.04
N GLU A 5 -9.82 -13.49 -23.23
CA GLU A 5 -10.09 -12.54 -24.31
C GLU A 5 -11.23 -11.60 -23.97
N SER A 6 -12.22 -12.06 -23.20
CA SER A 6 -13.37 -11.26 -22.85
C SER A 6 -13.60 -11.15 -21.35
N ILE A 7 -12.67 -11.67 -20.53
CA ILE A 7 -12.84 -11.60 -19.08
C ILE A 7 -12.83 -10.15 -18.63
N ASP A 8 -13.50 -9.88 -17.52
CA ASP A 8 -13.59 -8.53 -16.93
C ASP A 8 -12.75 -8.53 -15.66
N PHE A 9 -11.56 -7.91 -15.74
CA PHE A 9 -10.65 -7.83 -14.60
C PHE A 9 -11.31 -7.19 -13.38
N PHE A 10 -12.24 -6.27 -13.59
CA PHE A 10 -12.80 -5.52 -12.47
C PHE A 10 -13.92 -6.25 -11.76
N THR A 11 -14.49 -7.30 -12.35
CA THR A 11 -15.64 -7.96 -11.77
C THR A 11 -15.53 -9.48 -11.65
N ASP A 12 -14.69 -10.14 -12.43
CA ASP A 12 -14.68 -11.60 -12.46
C ASP A 12 -13.99 -12.16 -11.22
N PRO A 13 -14.71 -12.90 -10.36
CA PRO A 13 -14.06 -13.43 -9.14
C PRO A 13 -13.03 -14.52 -9.43
N SER A 14 -13.00 -15.10 -10.63
CA SER A 14 -12.01 -16.11 -10.93
C SER A 14 -10.59 -15.55 -10.99
N LEU A 15 -10.42 -14.23 -10.99
CA LEU A 15 -9.10 -13.62 -11.03
C LEU A 15 -8.58 -13.22 -9.66
N ILE A 16 -9.41 -13.34 -8.62
CA ILE A 16 -9.04 -12.96 -7.26
C ILE A 16 -7.99 -13.90 -6.67
N PRO A 17 -8.11 -15.23 -6.82
CA PRO A 17 -7.07 -16.11 -6.24
C PRO A 17 -5.66 -15.82 -6.74
N ASP A 18 -5.49 -15.69 -8.06
CA ASP A 18 -4.18 -15.43 -8.64
C ASP A 18 -4.35 -14.73 -9.98
N PRO A 19 -4.01 -13.45 -10.08
CA PRO A 19 -4.19 -12.72 -11.34
C PRO A 19 -3.01 -12.80 -12.29
N HIS A 20 -1.92 -13.45 -11.90
CA HIS A 20 -0.72 -13.33 -12.71
C HIS A 20 -0.77 -14.12 -14.02
N PRO A 21 -1.43 -15.29 -14.10
CA PRO A 21 -1.63 -15.89 -15.44
C PRO A 21 -2.33 -14.92 -16.38
N TYR A 22 -3.35 -14.23 -15.89
CA TYR A 22 -4.04 -13.20 -16.67
C TYR A 22 -3.12 -12.05 -17.01
N PHE A 23 -2.38 -11.53 -16.02
CA PHE A 23 -1.42 -10.46 -16.27
C PHE A 23 -0.40 -10.86 -17.32
N ASP A 24 0.07 -12.11 -17.26
CA ASP A 24 1.02 -12.62 -18.24
C ASP A 24 0.41 -12.63 -19.64
N TYR A 25 -0.86 -13.01 -19.74
CA TYR A 25 -1.55 -13.03 -21.03
C TYR A 25 -1.66 -11.62 -21.60
N LEU A 26 -1.99 -10.64 -20.75
CA LEU A 26 -2.06 -9.26 -21.21
C LEU A 26 -0.71 -8.78 -21.71
N ARG A 27 0.34 -9.00 -20.92
CA ARG A 27 1.65 -8.45 -21.24
C ARG A 27 2.20 -9.05 -22.52
N SER A 28 1.93 -10.33 -22.76
CA SER A 28 2.38 -10.98 -23.99
C SER A 28 1.66 -10.44 -25.22
N GLN A 29 0.44 -9.94 -25.06
CA GLN A 29 -0.21 -9.22 -26.14
C GLN A 29 0.48 -7.87 -26.35
N SER A 30 0.57 -7.06 -25.29
CA SER A 30 1.33 -5.82 -25.27
C SER A 30 1.41 -5.30 -23.83
N PRO A 31 2.56 -4.76 -23.42
CA PRO A 31 2.67 -4.16 -22.08
C PRO A 31 1.73 -2.98 -21.85
N VAL A 32 1.16 -2.41 -22.91
CA VAL A 32 0.14 -1.38 -22.83
C VAL A 32 -0.98 -1.88 -23.73
N LEU A 33 -2.11 -2.27 -23.13
N LEU A 33 -2.07 -2.39 -23.15
CA LEU A 33 -3.17 -2.99 -23.84
CA LEU A 33 -3.13 -2.93 -23.97
C LEU A 33 -4.54 -2.38 -23.54
C LEU A 33 -4.48 -2.34 -23.58
N ARG A 34 -5.32 -2.13 -24.58
CA ARG A 34 -6.69 -1.68 -24.40
C ARG A 34 -7.56 -2.88 -24.01
N LEU A 35 -8.19 -2.81 -22.85
CA LEU A 35 -9.00 -3.91 -22.34
C LEU A 35 -10.34 -3.99 -23.09
N PRO A 36 -11.01 -5.16 -23.03
CA PRO A 36 -12.28 -5.30 -23.77
C PRO A 36 -13.43 -4.52 -23.17
N GLN A 37 -13.32 -4.01 -21.95
CA GLN A 37 -14.41 -3.26 -21.33
C GLN A 37 -13.90 -1.91 -20.83
N TYR A 38 -14.80 -0.93 -20.87
CA TYR A 38 -14.66 0.37 -20.23
C TYR A 38 -13.58 1.25 -20.86
N GLY A 39 -12.97 0.80 -21.96
CA GLY A 39 -11.92 1.58 -22.60
C GLY A 39 -10.64 1.67 -21.82
N VAL A 40 -10.49 0.88 -20.75
CA VAL A 40 -9.31 0.99 -19.90
C VAL A 40 -8.09 0.47 -20.64
N VAL A 41 -7.00 1.22 -20.52
CA VAL A 41 -5.69 0.79 -20.99
C VAL A 41 -4.95 0.19 -19.82
N ALA A 42 -4.58 -1.08 -19.92
CA ALA A 42 -3.95 -1.80 -18.81
C ALA A 42 -2.45 -1.87 -19.06
N VAL A 43 -1.67 -1.42 -18.08
CA VAL A 43 -0.22 -1.36 -18.20
C VAL A 43 0.37 -2.43 -17.30
N THR A 44 0.94 -3.45 -17.93
CA THR A 44 1.58 -4.58 -17.24
C THR A 44 3.10 -4.57 -17.40
N GLY A 45 3.66 -3.61 -18.12
CA GLY A 45 5.08 -3.53 -18.35
C GLY A 45 5.75 -2.58 -17.37
N TYR A 46 6.97 -2.93 -16.98
CA TYR A 46 7.69 -2.15 -15.98
C TYR A 46 8.11 -0.79 -16.51
N GLU A 47 8.81 -0.76 -17.65
CA GLU A 47 9.27 0.53 -18.12
C GLU A 47 8.12 1.41 -18.61
N GLU A 48 7.02 0.80 -19.04
CA GLU A 48 5.85 1.57 -19.43
C GLU A 48 5.12 2.12 -18.22
N ALA A 49 5.03 1.34 -17.14
CA ALA A 49 4.42 1.85 -15.92
C ALA A 49 5.23 3.01 -15.36
N THR A 50 6.55 2.90 -15.42
CA THR A 50 7.42 3.98 -14.96
C THR A 50 7.15 5.27 -15.74
N ALA A 51 7.06 5.16 -17.06
CA ALA A 51 6.74 6.32 -17.90
C ALA A 51 5.42 6.96 -17.50
N VAL A 52 4.38 6.16 -17.28
CA VAL A 52 3.08 6.71 -16.88
C VAL A 52 3.21 7.44 -15.55
N TYR A 53 3.83 6.79 -14.56
CA TYR A 53 3.96 7.35 -13.22
C TYR A 53 4.68 8.69 -13.20
N LYS A 54 5.70 8.84 -14.03
CA LYS A 54 6.53 10.04 -13.98
C LYS A 54 5.94 11.21 -14.76
N ASP A 55 4.86 11.00 -15.49
CA ASP A 55 4.28 12.01 -16.39
C ASP A 55 2.97 12.53 -15.79
N THR A 56 3.05 13.60 -14.98
CA THR A 56 1.81 14.14 -14.42
C THR A 56 1.09 15.06 -15.40
N ASP A 57 1.78 15.60 -16.40
CA ASP A 57 1.11 16.48 -17.36
C ASP A 57 0.10 15.71 -18.18
N SER A 58 0.39 14.45 -18.51
CA SER A 58 -0.52 13.64 -19.31
C SER A 58 -1.48 12.82 -18.48
N PHE A 59 -1.12 12.47 -17.25
CA PHE A 59 -1.89 11.47 -16.50
C PHE A 59 -2.22 12.00 -15.11
N SER A 60 -3.51 12.20 -14.87
CA SER A 60 -4.02 12.75 -13.61
C SER A 60 -4.37 11.64 -12.62
N ASN A 61 -4.20 11.96 -11.35
CA ASN A 61 -4.54 11.05 -10.26
C ASN A 61 -6.00 11.13 -9.81
N CYS A 62 -6.85 11.86 -10.53
CA CYS A 62 -8.23 12.01 -10.06
C CYS A 62 -8.93 10.67 -9.92
N VAL A 63 -8.57 9.67 -10.73
CA VAL A 63 -9.20 8.35 -10.65
C VAL A 63 -8.25 7.31 -10.04
N ALA A 64 -7.27 7.73 -9.24
CA ALA A 64 -6.19 6.84 -8.84
C ALA A 64 -6.72 5.58 -8.14
N LEU A 65 -7.70 5.74 -7.25
CA LEU A 65 -8.15 4.62 -6.44
CA LEU A 65 -8.15 4.61 -6.45
C LEU A 65 -8.84 3.55 -7.29
N GLY A 66 -9.95 3.89 -7.92
CA GLY A 66 -10.77 2.90 -8.56
C GLY A 66 -10.78 2.83 -10.07
N GLY A 67 -10.12 3.78 -10.75
CA GLY A 67 -10.08 3.75 -12.19
C GLY A 67 -11.43 3.97 -12.85
N PRO A 68 -11.94 2.96 -13.56
CA PRO A 68 -13.22 3.12 -14.26
C PRO A 68 -14.44 3.14 -13.36
N PHE A 69 -14.28 2.86 -12.07
CA PHE A 69 -15.37 2.92 -11.10
C PHE A 69 -15.00 3.87 -9.97
N PRO A 70 -15.88 4.82 -9.61
CA PRO A 70 -17.17 5.09 -10.26
C PRO A 70 -16.97 5.76 -11.62
N PRO A 71 -18.02 5.85 -12.43
CA PRO A 71 -17.89 6.56 -13.71
C PRO A 71 -17.42 7.99 -13.51
N LEU A 72 -16.83 8.54 -14.56
CA LEU A 72 -16.39 9.93 -14.50
C LEU A 72 -17.58 10.83 -14.19
N PRO A 73 -17.36 11.92 -13.45
CA PRO A 73 -18.45 12.86 -13.15
C PRO A 73 -18.70 13.84 -14.28
N PHE A 74 -18.44 13.42 -15.50
CA PHE A 74 -18.67 14.22 -16.70
C PHE A 74 -18.57 13.29 -17.91
N ALA A 75 -18.98 13.80 -19.07
CA ALA A 75 -18.80 13.07 -20.32
C ALA A 75 -17.54 13.58 -21.00
N PRO A 76 -16.48 12.79 -21.12
CA PRO A 76 -15.24 13.29 -21.74
C PRO A 76 -15.42 13.55 -23.23
N ASN A 77 -14.83 14.64 -23.69
CA ASN A 77 -14.85 15.00 -25.11
C ASN A 77 -13.63 15.86 -25.40
N GLY A 78 -13.25 15.88 -26.68
CA GLY A 78 -12.10 16.65 -27.10
C GLY A 78 -10.79 15.99 -26.73
N ASP A 79 -9.71 16.68 -27.08
CA ASP A 79 -8.36 16.21 -26.79
C ASP A 79 -7.81 16.76 -25.48
N ASP A 80 -8.67 17.26 -24.61
CA ASP A 80 -8.23 17.85 -23.35
C ASP A 80 -9.40 17.86 -22.38
N VAL A 81 -9.27 17.17 -21.26
CA VAL A 81 -10.32 17.07 -20.26
C VAL A 81 -9.94 17.79 -18.97
N ASN A 82 -8.91 18.63 -19.03
CA ASN A 82 -8.44 19.30 -17.82
C ASN A 82 -9.50 20.23 -17.24
N ALA A 83 -10.22 20.94 -18.10
CA ALA A 83 -11.28 21.82 -17.61
C ALA A 83 -12.40 21.03 -16.95
N GLN A 84 -12.70 19.85 -17.50
CA GLN A 84 -13.73 19.01 -16.90
C GLN A 84 -13.27 18.44 -15.56
N ILE A 85 -12.01 18.04 -15.47
CA ILE A 85 -11.48 17.57 -14.19
C ILE A 85 -11.56 18.67 -13.14
N ASP A 86 -11.12 19.87 -13.50
CA ASP A 86 -11.14 20.99 -12.55
C ASP A 86 -12.57 21.29 -12.08
N ALA A 87 -13.54 21.21 -13.00
CA ALA A 87 -14.91 21.60 -12.66
C ALA A 87 -15.59 20.58 -11.75
N HIS A 88 -15.04 19.36 -11.63
CA HIS A 88 -15.62 18.32 -10.80
C HIS A 88 -14.60 17.76 -9.83
N ARG A 89 -13.59 18.57 -9.48
CA ARG A 89 -12.49 18.08 -8.65
C ARG A 89 -12.98 17.44 -7.37
N GLU A 90 -14.00 18.02 -6.73
CA GLU A 90 -14.46 17.55 -5.43
C GLU A 90 -15.46 16.40 -5.53
N GLN A 91 -15.57 15.75 -6.68
CA GLN A 91 -16.48 14.64 -6.85
C GLN A 91 -15.80 13.29 -7.01
N PHE A 92 -14.48 13.26 -7.14
CA PHE A 92 -13.78 11.99 -7.20
C PHE A 92 -13.61 11.41 -5.81
N PRO A 93 -13.62 10.08 -5.68
CA PRO A 93 -13.43 9.48 -4.35
C PRO A 93 -12.08 9.86 -3.77
N MET A 94 -12.09 10.19 -2.46
CA MET A 94 -10.91 10.63 -1.73
C MET A 94 -10.30 11.90 -2.32
N TYR A 95 -11.15 12.75 -2.91
CA TYR A 95 -10.71 14.02 -3.48
C TYR A 95 -10.02 14.90 -2.47
N GLU A 96 -10.30 14.71 -1.18
CA GLU A 96 -9.67 15.52 -0.16
C GLU A 96 -8.25 15.06 0.18
N HIS A 97 -7.78 13.96 -0.40
CA HIS A 97 -6.50 13.39 0.00
C HIS A 97 -5.49 13.49 -1.13
N MET A 98 -4.21 13.58 -0.74
N MET A 98 -4.21 13.54 -0.74
CA MET A 98 -3.14 13.90 -1.68
CA MET A 98 -3.15 13.89 -1.67
C MET A 98 -3.01 12.88 -2.80
C MET A 98 -3.01 12.87 -2.79
N VAL A 99 -3.47 11.65 -2.57
CA VAL A 99 -3.31 10.59 -3.56
C VAL A 99 -4.16 10.83 -4.80
N THR A 100 -5.17 11.70 -4.73
CA THR A 100 -5.98 12.05 -5.88
C THR A 100 -5.63 13.41 -6.47
N MET A 101 -4.66 14.11 -5.89
CA MET A 101 -4.37 15.48 -6.29
C MET A 101 -3.30 15.54 -7.37
N ASP A 102 -3.40 16.54 -8.22
CA ASP A 102 -2.41 16.87 -9.22
C ASP A 102 -1.74 18.18 -8.82
N PRO A 103 -0.65 18.53 -9.49
CA PRO A 103 -0.07 19.87 -9.31
C PRO A 103 -1.09 20.93 -9.67
N PRO A 104 -1.17 22.05 -8.91
CA PRO A 104 -0.28 22.41 -7.79
C PRO A 104 -0.79 21.98 -6.41
N GLU A 105 -1.99 21.39 -6.35
CA GLU A 105 -2.54 21.01 -5.06
C GLU A 105 -1.70 19.95 -4.38
N HIS A 106 -1.11 19.03 -5.15
CA HIS A 106 -0.49 17.85 -4.57
C HIS A 106 0.68 18.21 -3.67
N SER A 107 1.60 19.04 -4.17
CA SER A 107 2.80 19.39 -3.41
C SER A 107 2.45 19.98 -2.05
N ARG A 108 1.45 20.85 -2.01
CA ARG A 108 1.08 21.50 -0.75
C ARG A 108 0.57 20.48 0.26
N ALA A 109 -0.29 19.57 -0.18
CA ALA A 109 -0.83 18.56 0.72
C ALA A 109 0.29 17.62 1.20
N ARG A 110 1.15 17.16 0.29
CA ARG A 110 2.22 16.25 0.66
C ARG A 110 3.21 16.92 1.61
N SER A 111 3.47 18.21 1.42
CA SER A 111 4.46 18.90 2.26
C SER A 111 4.11 18.83 3.75
N ILE A 112 2.83 18.75 4.08
CA ILE A 112 2.41 18.72 5.48
C ILE A 112 2.95 17.48 6.21
N LEU A 113 3.30 16.43 5.48
CA LEU A 113 3.87 15.23 6.08
C LEU A 113 5.33 15.38 6.49
N SER A 114 6.02 16.42 6.02
CA SER A 114 7.48 16.44 6.07
C SER A 114 8.01 16.31 7.48
N ARG A 115 7.42 17.02 8.43
CA ARG A 115 7.94 16.97 9.80
C ARG A 115 7.71 15.64 10.48
N LEU A 116 6.83 14.79 9.92
CA LEU A 116 6.63 13.45 10.44
C LEU A 116 7.66 12.45 9.93
N LEU A 117 8.37 12.78 8.86
CA LEU A 117 9.20 11.79 8.17
C LEU A 117 10.68 12.15 8.21
N THR A 118 11.08 13.01 9.14
CA THR A 118 12.49 13.33 9.31
C THR A 118 13.24 12.11 9.80
N PRO A 119 14.55 12.04 9.57
CA PRO A 119 15.32 10.92 10.12
C PRO A 119 15.20 10.82 11.63
N SER A 120 15.09 11.95 12.32
CA SER A 120 14.94 11.92 13.78
C SER A 120 13.60 11.28 14.17
N ARG A 121 12.52 11.69 13.50
CA ARG A 121 11.21 11.13 13.82
C ARG A 121 11.13 9.65 13.47
N LEU A 122 11.62 9.26 12.29
CA LEU A 122 11.54 7.85 11.91
C LEU A 122 12.42 6.98 12.80
N LYS A 123 13.55 7.52 13.27
CA LYS A 123 14.39 6.79 14.21
C LYS A 123 13.64 6.48 15.50
N GLN A 124 12.94 7.49 16.05
CA GLN A 124 12.17 7.27 17.27
C GLN A 124 11.02 6.31 17.03
N ASN A 125 10.37 6.42 15.87
CA ASN A 125 9.27 5.54 15.54
C ASN A 125 9.77 4.10 15.32
N GLU A 126 10.94 3.96 14.69
CA GLU A 126 11.52 2.63 14.48
C GLU A 126 11.85 1.94 15.80
N GLU A 127 12.45 2.68 16.74
CA GLU A 127 12.76 2.07 18.02
C GLU A 127 11.48 1.74 18.78
N PHE A 128 10.44 2.55 18.62
CA PHE A 128 9.13 2.24 19.18
C PHE A 128 8.57 0.92 18.64
N MET A 129 8.82 0.62 17.37
CA MET A 129 8.27 -0.60 16.78
C MET A 129 8.75 -1.85 17.48
N TRP A 130 9.99 -1.85 18.00
CA TRP A 130 10.49 -3.01 18.72
C TRP A 130 9.65 -3.29 19.97
N ARG A 131 9.29 -2.23 20.70
CA ARG A 131 8.45 -2.40 21.88
C ARG A 131 7.03 -2.80 21.50
N LEU A 132 6.50 -2.18 20.45
CA LEU A 132 5.14 -2.50 19.99
C LEU A 132 5.03 -3.94 19.51
N ALA A 133 6.03 -4.43 18.77
CA ALA A 133 5.98 -5.81 18.31
C ALA A 133 5.88 -6.78 19.48
N ASP A 134 6.65 -6.53 20.54
CA ASP A 134 6.62 -7.42 21.70
C ASP A 134 5.29 -7.33 22.43
N ARG A 135 4.72 -6.12 22.53
CA ARG A 135 3.43 -5.97 23.19
C ARG A 135 2.34 -6.71 22.41
N GLN A 136 2.38 -6.63 21.09
CA GLN A 136 1.39 -7.31 20.26
C GLN A 136 1.54 -8.82 20.36
N LEU A 137 2.78 -9.30 20.30
CA LEU A 137 3.04 -10.74 20.46
C LEU A 137 2.65 -11.23 21.84
N ASP A 138 2.82 -10.39 22.87
CA ASP A 138 2.39 -10.79 24.21
C ASP A 138 0.93 -11.21 24.24
N GLU A 139 0.10 -10.61 23.36
CA GLU A 139 -1.35 -10.79 23.44
C GLU A 139 -1.79 -12.20 23.09
N PHE A 140 -1.01 -12.94 22.28
CA PHE A 140 -1.46 -14.24 21.82
C PHE A 140 -0.39 -15.32 21.79
N LEU A 141 0.86 -15.01 22.15
CA LEU A 141 1.94 -15.98 22.02
C LEU A 141 1.60 -17.29 22.74
N GLY A 142 1.02 -17.20 23.93
CA GLY A 142 0.77 -18.39 24.73
C GLY A 142 -0.18 -19.37 24.08
N ALA A 143 -0.96 -18.94 23.08
CA ALA A 143 -1.91 -19.80 22.42
C ALA A 143 -1.28 -20.74 21.41
N GLY A 144 -0.08 -20.44 20.92
CA GLY A 144 0.55 -21.29 19.94
C GLY A 144 -0.10 -21.25 18.57
N GLU A 145 -1.10 -20.38 18.39
CA GLU A 145 -1.74 -20.16 17.11
C GLU A 145 -2.37 -18.78 17.13
N CYS A 146 -2.60 -18.24 15.94
CA CYS A 146 -3.35 -17.01 15.84
C CYS A 146 -3.86 -16.85 14.43
N GLU A 147 -4.89 -16.04 14.28
CA GLU A 147 -5.26 -15.50 12.98
C GLU A 147 -4.45 -14.21 12.81
N PHE A 148 -3.46 -14.26 11.94
CA PHE A 148 -2.38 -13.28 11.97
C PHE A 148 -2.83 -11.86 11.64
N ILE A 149 -3.83 -11.72 10.76
CA ILE A 149 -4.25 -10.38 10.35
C ILE A 149 -4.92 -9.65 11.51
N SER A 150 -5.91 -10.29 12.12
CA SER A 150 -6.67 -9.61 13.18
C SER A 150 -5.87 -9.52 14.47
N GLU A 151 -5.00 -10.49 14.76
CA GLU A 151 -4.32 -10.54 16.05
C GLU A 151 -2.96 -9.86 16.04
N TYR A 152 -2.32 -9.70 14.88
CA TYR A 152 -1.05 -9.00 14.84
C TYR A 152 -1.01 -7.90 13.78
N ALA A 153 -1.23 -8.26 12.51
CA ALA A 153 -0.82 -7.37 11.43
C ALA A 153 -1.65 -6.09 11.38
N LYS A 154 -2.97 -6.20 11.49
CA LYS A 154 -3.80 -4.99 11.46
C LYS A 154 -3.58 -4.12 12.69
N PRO A 155 -3.61 -4.64 13.93
CA PRO A 155 -3.32 -3.77 15.09
C PRO A 155 -1.94 -3.14 15.06
N PHE A 156 -0.93 -3.89 14.63
CA PHE A 156 0.42 -3.35 14.57
C PHE A 156 0.50 -2.18 13.60
N ALA A 157 -0.03 -2.37 12.39
CA ALA A 157 0.02 -1.31 11.39
C ALA A 157 -0.74 -0.07 11.86
N THR A 158 -1.86 -0.26 12.55
CA THR A 158 -2.60 0.86 13.12
C THR A 158 -1.76 1.59 14.16
N LEU A 159 -1.16 0.85 15.09
CA LEU A 159 -0.48 1.50 16.20
C LEU A 159 0.81 2.19 15.76
N VAL A 160 1.46 1.69 14.70
CA VAL A 160 2.66 2.35 14.20
C VAL A 160 2.33 3.74 13.67
N ILE A 161 1.26 3.85 12.88
CA ILE A 161 0.87 5.13 12.31
C ILE A 161 0.43 6.10 13.40
N ALA A 162 -0.29 5.59 14.39
CA ALA A 162 -0.66 6.42 15.54
C ALA A 162 0.59 6.98 16.23
N ASP A 163 1.61 6.15 16.43
CA ASP A 163 2.85 6.66 16.99
C ASP A 163 3.50 7.70 16.07
N LEU A 164 3.52 7.42 14.76
CA LEU A 164 4.15 8.35 13.82
C LEU A 164 3.49 9.72 13.88
N LEU A 165 2.19 9.77 14.09
CA LEU A 165 1.42 11.00 14.17
C LEU A 165 1.45 11.64 15.54
N GLY A 166 2.13 11.05 16.51
CA GLY A 166 2.22 11.65 17.83
C GLY A 166 0.93 11.62 18.62
N VAL A 167 0.08 10.63 18.38
CA VAL A 167 -1.17 10.50 19.13
C VAL A 167 -0.86 10.37 20.61
N PRO A 168 -1.54 11.10 21.49
CA PRO A 168 -1.28 10.97 22.93
C PRO A 168 -1.44 9.52 23.38
N GLU A 169 -0.58 9.12 24.32
CA GLU A 169 -0.57 7.72 24.77
C GLU A 169 -1.95 7.28 25.23
N ASP A 170 -2.66 8.14 25.98
CA ASP A 170 -3.97 7.77 26.52
C ASP A 170 -5.05 7.67 25.46
N ASP A 171 -4.77 8.04 24.22
CA ASP A 171 -5.74 7.91 23.14
C ASP A 171 -5.47 6.74 22.21
N ARG A 172 -4.31 6.09 22.33
CA ARG A 172 -3.90 5.11 21.32
C ARG A 172 -4.80 3.88 21.34
N LYS A 173 -5.25 3.44 22.52
CA LYS A 173 -6.14 2.30 22.58
C LYS A 173 -7.43 2.56 21.81
N ASP A 174 -7.97 3.78 21.94
CA ASP A 174 -9.18 4.13 21.21
C ASP A 174 -8.95 4.15 19.71
N PHE A 175 -7.76 4.58 19.27
CA PHE A 175 -7.45 4.54 17.85
C PHE A 175 -7.45 3.11 17.33
N ARG A 176 -6.85 2.19 18.09
CA ARG A 176 -6.83 0.79 17.67
C ARG A 176 -8.23 0.23 17.53
N VAL A 177 -9.12 0.57 18.47
CA VAL A 177 -10.47 0.02 18.49
C VAL A 177 -11.29 0.58 17.32
N VAL A 178 -11.34 1.90 17.19
CA VAL A 178 -12.20 2.53 16.19
C VAL A 178 -11.69 2.25 14.78
N LEU A 179 -10.38 2.35 14.58
CA LEU A 179 -9.84 2.08 13.25
C LEU A 179 -9.64 0.58 12.99
N GLY A 180 -9.86 -0.26 13.99
CA GLY A 180 -9.91 -1.69 13.76
C GLY A 180 -11.25 -2.09 13.17
N VAL A 197 -20.86 3.94 13.89
CA VAL A 197 -19.66 4.76 14.05
C VAL A 197 -18.93 4.92 12.72
N ASN A 198 -18.79 6.17 12.29
CA ASN A 198 -18.05 6.49 11.08
C ASN A 198 -16.59 6.69 11.45
N PRO A 199 -15.70 5.76 11.13
CA PRO A 199 -14.29 5.90 11.56
C PRO A 199 -13.59 7.09 10.94
N LEU A 200 -13.92 7.44 9.70
CA LEU A 200 -13.29 8.60 9.07
C LEU A 200 -13.68 9.89 9.76
N GLN A 201 -14.97 10.03 10.12
CA GLN A 201 -15.42 11.22 10.82
C GLN A 201 -14.85 11.27 12.24
N TRP A 202 -14.80 10.13 12.92
CA TRP A 202 -14.16 10.05 14.23
C TRP A 202 -12.70 10.49 14.15
N LEU A 203 -12.01 10.07 13.10
CA LEU A 203 -10.61 10.45 12.91
C LEU A 203 -10.48 11.95 12.67
N ASP A 204 -11.32 12.51 11.81
CA ASP A 204 -11.29 13.95 11.55
C ASP A 204 -11.53 14.75 12.82
N ASP A 205 -12.58 14.37 13.58
CA ASP A 205 -12.90 15.11 14.80
C ASP A 205 -11.75 15.07 15.79
N LYS A 206 -11.13 13.90 15.98
CA LYS A 206 -10.04 13.79 16.93
C LYS A 206 -8.86 14.66 16.52
N PHE A 207 -8.47 14.61 15.25
CA PHE A 207 -7.30 15.36 14.83
C PHE A 207 -7.60 16.85 14.68
N SER A 208 -8.84 17.21 14.36
CA SER A 208 -9.21 18.62 14.35
C SER A 208 -8.93 19.25 15.71
N ALA A 209 -9.39 18.59 16.77
CA ALA A 209 -9.19 19.11 18.12
C ALA A 209 -7.72 19.12 18.52
N TYR A 210 -6.97 18.08 18.12
CA TYR A 210 -5.52 18.07 18.37
C TYR A 210 -4.87 19.33 17.81
N ILE A 211 -5.10 19.61 16.53
CA ILE A 211 -4.43 20.72 15.86
C ILE A 211 -4.89 22.05 16.43
N GLU A 212 -6.21 22.18 16.69
CA GLU A 212 -6.73 23.41 17.28
C GLU A 212 -6.12 23.66 18.66
N ASP A 213 -5.94 22.60 19.45
CA ASP A 213 -5.36 22.76 20.77
C ASP A 213 -3.90 23.15 20.71
N ARG A 214 -3.13 22.51 19.82
CA ARG A 214 -1.71 22.82 19.73
C ARG A 214 -1.46 24.19 19.12
N ARG A 215 -2.37 24.68 18.27
CA ARG A 215 -2.18 26.00 17.69
C ARG A 215 -2.45 27.10 18.72
N ARG A 216 -3.35 26.88 19.68
CA ARG A 216 -3.57 27.89 20.70
C ARG A 216 -2.55 27.79 21.82
N GLN A 217 -2.08 26.59 22.15
CA GLN A 217 -1.07 26.38 23.18
C GLN A 217 -0.05 25.37 22.66
N PRO A 218 0.99 25.84 21.99
CA PRO A 218 1.99 24.91 21.44
C PRO A 218 2.67 24.09 22.52
N ARG A 219 3.07 22.88 22.15
CA ARG A 219 3.81 21.98 23.02
C ARG A 219 5.07 21.52 22.32
N ASN A 220 5.90 20.80 23.05
CA ASN A 220 7.12 20.20 22.50
C ASN A 220 6.83 18.75 22.10
N ASP A 221 5.89 18.58 21.17
CA ASP A 221 5.47 17.26 20.74
C ASP A 221 5.26 17.24 19.23
N VAL A 222 4.91 16.06 18.72
CA VAL A 222 4.79 15.86 17.28
C VAL A 222 3.58 16.60 16.73
N LEU A 223 2.47 16.62 17.48
CA LEU A 223 1.26 17.27 16.98
C LEU A 223 1.47 18.77 16.82
N THR A 224 2.27 19.39 17.70
CA THR A 224 2.55 20.81 17.57
C THR A 224 3.40 21.08 16.33
N ALA A 225 4.38 20.21 16.06
CA ALA A 225 5.16 20.34 14.83
C ALA A 225 4.25 20.25 13.61
N LEU A 226 3.24 19.39 13.67
CA LEU A 226 2.24 19.31 12.61
C LEU A 226 1.40 20.58 12.56
N ALA A 227 0.97 21.08 13.73
CA ALA A 227 0.08 22.23 13.77
C ALA A 227 0.76 23.53 13.37
N THR A 228 2.09 23.57 13.36
CA THR A 228 2.82 24.78 13.02
C THR A 228 3.56 24.66 11.69
N ALA A 229 3.31 23.60 10.93
CA ALA A 229 3.95 23.45 9.63
C ALA A 229 3.47 24.53 8.66
N THR A 230 4.33 24.89 7.72
CA THR A 230 3.98 25.85 6.69
C THR A 230 4.12 25.21 5.32
N TYR A 231 3.37 25.74 4.36
CA TYR A 231 3.47 25.31 2.97
C TYR A 231 4.83 25.71 2.40
N PRO A 232 5.22 25.12 1.25
CA PRO A 232 6.50 25.53 0.64
C PRO A 232 6.61 27.01 0.35
N ASP A 233 5.50 27.72 0.13
CA ASP A 233 5.55 29.14 -0.15
C ASP A 233 5.59 29.99 1.12
N GLY A 234 5.53 29.38 2.30
CA GLY A 234 5.59 30.09 3.55
C GLY A 234 4.25 30.31 4.23
N SER A 235 3.16 30.12 3.52
CA SER A 235 1.83 30.34 4.09
C SER A 235 1.49 29.24 5.09
N THR A 236 0.47 29.51 5.90
CA THR A 236 0.04 28.55 6.90
C THR A 236 -1.16 27.76 6.40
N PRO A 237 -1.12 26.43 6.41
CA PRO A 237 -2.28 25.66 5.99
C PRO A 237 -3.47 25.88 6.91
N GLU A 238 -4.66 25.75 6.35
CA GLU A 238 -5.86 25.68 7.17
C GLU A 238 -5.86 24.39 7.98
N VAL A 239 -6.60 24.40 9.09
CA VAL A 239 -6.66 23.23 9.96
C VAL A 239 -7.16 22.01 9.20
N ILE A 240 -8.23 22.19 8.41
CA ILE A 240 -8.83 21.08 7.68
C ILE A 240 -7.81 20.44 6.73
N ASP A 241 -6.89 21.25 6.19
CA ASP A 241 -5.89 20.69 5.29
C ASP A 241 -4.79 19.94 6.05
N VAL A 242 -4.46 20.36 7.27
CA VAL A 242 -3.53 19.56 8.08
C VAL A 242 -4.18 18.23 8.46
N VAL A 243 -5.45 18.27 8.87
CA VAL A 243 -6.17 17.06 9.25
C VAL A 243 -6.25 16.08 8.08
N ARG A 244 -6.56 16.59 6.89
CA ARG A 244 -6.71 15.72 5.73
C ARG A 244 -5.40 14.99 5.41
N SER A 245 -4.29 15.72 5.37
CA SER A 245 -3.00 15.08 5.09
C SER A 245 -2.61 14.11 6.19
N ALA A 246 -2.80 14.48 7.45
CA ALA A 246 -2.33 13.66 8.55
C ALA A 246 -3.17 12.40 8.71
N THR A 247 -4.49 12.54 8.78
CA THR A 247 -5.36 11.38 9.00
C THR A 247 -5.34 10.40 7.83
N PHE A 248 -4.98 10.87 6.64
CA PHE A 248 -4.96 9.99 5.48
C PHE A 248 -3.92 8.88 5.62
N LEU A 249 -2.90 9.07 6.47
CA LEU A 249 -1.90 8.03 6.68
C LEU A 249 -2.53 6.73 7.18
N PHE A 250 -3.66 6.80 7.89
CA PHE A 250 -4.30 5.58 8.34
C PHE A 250 -4.90 4.82 7.17
N ALA A 251 -5.71 5.50 6.34
CA ALA A 251 -6.29 4.84 5.17
C ALA A 251 -5.20 4.31 4.25
N ALA A 252 -4.13 5.07 4.07
CA ALA A 252 -3.08 4.68 3.13
C ALA A 252 -2.17 3.60 3.68
N GLY A 253 -1.99 3.54 4.99
CA GLY A 253 -0.94 2.70 5.55
C GLY A 253 -1.37 1.51 6.38
N GLN A 254 -2.66 1.41 6.70
N GLN A 254 -2.66 1.41 6.70
CA GLN A 254 -3.14 0.33 7.55
CA GLN A 254 -3.12 0.31 7.55
C GLN A 254 -3.33 -0.97 6.77
C GLN A 254 -3.30 -0.98 6.76
N GLU A 255 -4.17 -0.95 5.74
CA GLU A 255 -4.51 -2.18 5.04
C GLU A 255 -3.33 -2.69 4.20
N THR A 256 -2.67 -1.80 3.47
CA THR A 256 -1.54 -2.22 2.64
C THR A 256 -0.46 -2.87 3.48
N THR A 257 -0.05 -2.21 4.56
CA THR A 257 1.00 -2.77 5.41
C THR A 257 0.55 -4.08 6.06
N ALA A 258 -0.71 -4.16 6.49
CA ALA A 258 -1.20 -5.40 7.08
C ALA A 258 -1.13 -6.55 6.07
N LYS A 259 -1.47 -6.29 4.81
CA LYS A 259 -1.37 -7.34 3.80
C LYS A 259 0.07 -7.76 3.56
N LEU A 260 1.02 -6.81 3.59
CA LEU A 260 2.43 -7.18 3.39
C LEU A 260 2.94 -8.05 4.53
N LEU A 261 2.63 -7.70 5.78
CA LEU A 261 3.07 -8.52 6.89
C LEU A 261 2.52 -9.93 6.79
N THR A 262 1.25 -10.06 6.39
N THR A 262 1.26 -10.04 6.39
CA THR A 262 0.64 -11.38 6.32
CA THR A 262 0.62 -11.35 6.31
C THR A 262 1.13 -12.16 5.10
C THR A 262 1.16 -12.15 5.12
N ALA A 263 1.44 -11.48 4.00
CA ALA A 263 2.04 -12.16 2.87
C ALA A 263 3.41 -12.69 3.23
N ALA A 264 4.18 -11.91 4.01
CA ALA A 264 5.47 -12.38 4.49
C ALA A 264 5.30 -13.63 5.34
N MET A 265 4.32 -13.63 6.25
N MET A 265 4.31 -13.64 6.23
CA MET A 265 4.10 -14.81 7.09
CA MET A 265 4.06 -14.78 7.09
C MET A 265 3.67 -16.02 6.26
C MET A 265 3.65 -16.01 6.28
N ARG A 266 2.81 -15.82 5.26
CA ARG A 266 2.40 -16.93 4.41
C ARG A 266 3.59 -17.60 3.76
N VAL A 267 4.54 -16.80 3.26
CA VAL A 267 5.73 -17.41 2.67
C VAL A 267 6.57 -18.11 3.73
N LEU A 268 6.66 -17.53 4.93
CA LEU A 268 7.43 -18.17 6.00
C LEU A 268 6.89 -19.56 6.30
N GLY A 269 5.57 -19.73 6.24
CA GLY A 269 4.99 -21.03 6.53
C GLY A 269 5.03 -21.98 5.36
N ASP A 270 4.86 -21.44 4.15
CA ASP A 270 4.86 -22.26 2.95
C ASP A 270 6.25 -22.56 2.42
N ARG A 271 7.27 -21.84 2.90
CA ARG A 271 8.66 -22.04 2.50
C ARG A 271 9.52 -22.18 3.75
N PRO A 272 9.44 -23.31 4.43
CA PRO A 272 10.29 -23.50 5.63
C PRO A 272 11.77 -23.40 5.36
N ASP A 273 12.20 -23.65 4.11
CA ASP A 273 13.61 -23.42 3.77
C ASP A 273 13.97 -21.95 3.93
N ILE A 274 13.09 -21.05 3.49
CA ILE A 274 13.35 -19.62 3.64
C ILE A 274 13.29 -19.22 5.11
N GLN A 275 12.30 -19.75 5.84
CA GLN A 275 12.24 -19.50 7.28
C GLN A 275 13.55 -19.89 7.95
N ARG A 276 14.10 -21.04 7.56
CA ARG A 276 15.36 -21.53 8.11
C ARG A 276 16.51 -20.55 7.82
N ARG A 277 16.61 -20.10 6.56
CA ARG A 277 17.69 -19.19 6.19
C ARG A 277 17.61 -17.87 6.94
N LEU A 278 16.40 -17.33 7.10
CA LEU A 278 16.23 -16.04 7.77
C LEU A 278 16.58 -16.14 9.25
N ARG A 279 16.15 -17.22 9.89
CA ARG A 279 16.41 -17.41 11.32
C ARG A 279 17.90 -17.35 11.61
N GLU A 280 18.71 -18.01 10.77
CA GLU A 280 20.16 -18.10 10.95
C GLU A 280 20.93 -16.90 10.41
N ASN A 281 20.35 -16.12 9.50
CA ASN A 281 21.02 -14.93 8.94
C ASN A 281 19.98 -13.82 8.84
N ARG A 282 19.82 -13.07 9.93
CA ARG A 282 18.81 -12.03 10.01
C ARG A 282 19.03 -10.92 8.98
N SER A 283 20.25 -10.79 8.46
N SER A 283 20.25 -10.79 8.46
CA SER A 283 20.52 -9.78 7.45
CA SER A 283 20.51 -9.77 7.46
C SER A 283 19.80 -10.05 6.14
C SER A 283 19.79 -10.04 6.14
N LEU A 284 19.24 -11.24 5.96
CA LEU A 284 18.44 -11.54 4.78
C LEU A 284 17.00 -11.06 4.89
N ILE A 285 16.60 -10.56 6.07
N ILE A 285 16.58 -10.54 6.03
CA ILE A 285 15.20 -10.16 6.26
CA ILE A 285 15.17 -10.18 6.21
C ILE A 285 14.83 -8.99 5.35
C ILE A 285 14.77 -8.94 5.41
N PRO A 286 15.67 -7.96 5.14
CA PRO A 286 15.26 -6.90 4.21
C PRO A 286 15.01 -7.40 2.80
N ASN A 287 15.89 -8.28 2.28
N ASN A 287 15.89 -8.29 2.30
CA ASN A 287 15.68 -8.85 0.96
CA ASN A 287 15.71 -8.88 0.98
C ASN A 287 14.41 -9.69 0.90
C ASN A 287 14.43 -9.69 0.91
N PHE A 288 14.07 -10.36 2.01
CA PHE A 288 12.83 -11.12 2.07
C PHE A 288 11.61 -10.20 1.98
N ILE A 289 11.64 -9.07 2.68
CA ILE A 289 10.54 -8.13 2.62
C ILE A 289 10.41 -7.50 1.24
N GLU A 290 11.55 -7.22 0.59
CA GLU A 290 11.49 -6.64 -0.76
C GLU A 290 10.92 -7.63 -1.76
N GLU A 291 11.30 -8.90 -1.64
CA GLU A 291 10.76 -9.90 -2.56
C GLU A 291 9.28 -10.14 -2.28
N SER A 292 8.87 -10.02 -1.02
N SER A 292 8.86 -10.01 -1.03
CA SER A 292 7.46 -10.07 -0.69
CA SER A 292 7.44 -10.06 -0.71
C SER A 292 6.70 -8.91 -1.34
C SER A 292 6.70 -8.91 -1.34
N LEU A 293 7.30 -7.72 -1.37
CA LEU A 293 6.66 -6.58 -2.01
C LEU A 293 6.61 -6.77 -3.53
N ARG A 294 7.68 -7.32 -4.11
CA ARG A 294 7.69 -7.61 -5.55
C ARG A 294 6.66 -8.66 -5.92
N MET A 295 6.55 -9.74 -5.13
CA MET A 295 5.73 -10.87 -5.52
C MET A 295 4.26 -10.68 -5.15
N ASP A 296 3.98 -10.00 -4.04
N ASP A 296 4.00 -10.00 -4.03
CA ASP A 296 2.63 -9.85 -3.52
CA ASP A 296 2.65 -9.83 -3.49
C ASP A 296 2.36 -8.37 -3.23
C ASP A 296 2.40 -8.36 -3.22
N SER A 297 2.54 -7.55 -4.28
CA SER A 297 2.40 -6.10 -4.20
C SER A 297 1.00 -5.73 -3.69
N PRO A 298 0.89 -5.12 -2.50
CA PRO A 298 -0.45 -4.90 -1.91
C PRO A 298 -1.35 -4.00 -2.73
N VAL A 299 -0.83 -3.01 -3.45
CA VAL A 299 -1.66 -2.22 -4.35
C VAL A 299 -1.65 -2.91 -5.71
N LYS A 300 -2.80 -3.50 -6.07
CA LYS A 300 -2.91 -4.34 -7.26
C LYS A 300 -3.15 -3.52 -8.51
N SER A 301 -3.93 -2.45 -8.40
CA SER A 301 -4.12 -1.52 -9.50
C SER A 301 -4.04 -0.10 -8.98
N ASP A 302 -3.53 0.77 -9.83
CA ASP A 302 -3.28 2.16 -9.48
C ASP A 302 -3.56 2.95 -10.75
N SER A 303 -4.55 3.83 -10.73
CA SER A 303 -5.07 4.30 -12.01
C SER A 303 -4.77 5.78 -12.26
N ARG A 304 -4.97 6.15 -13.51
CA ARG A 304 -4.74 7.51 -13.99
C ARG A 304 -5.80 7.83 -15.03
N LEU A 305 -6.07 9.13 -15.22
CA LEU A 305 -6.90 9.62 -16.30
C LEU A 305 -6.04 10.39 -17.27
N ALA A 306 -6.16 10.08 -18.55
CA ALA A 306 -5.40 10.83 -19.56
C ALA A 306 -5.98 12.24 -19.65
N ARG A 307 -5.15 13.24 -19.35
CA ARG A 307 -5.62 14.62 -19.35
C ARG A 307 -5.67 15.18 -20.77
N LYS A 308 -4.84 14.64 -21.65
CA LYS A 308 -4.82 15.02 -23.05
C LYS A 308 -4.51 13.78 -23.87
N ARG A 309 -4.67 13.89 -25.18
CA ARG A 309 -4.25 12.82 -26.07
C ARG A 309 -2.74 12.62 -25.95
N THR A 310 -2.33 11.37 -25.75
CA THR A 310 -0.92 11.07 -25.50
C THR A 310 -0.62 9.65 -25.97
N THR A 311 0.65 9.26 -25.82
CA THR A 311 1.14 7.96 -26.29
C THR A 311 1.98 7.31 -25.19
N VAL A 312 1.67 6.06 -24.88
CA VAL A 312 2.55 5.23 -24.06
C VAL A 312 2.62 3.85 -24.70
N GLY A 313 3.80 3.23 -24.63
CA GLY A 313 4.02 1.92 -25.21
C GLY A 313 3.60 1.81 -26.65
N GLY A 314 3.62 2.93 -27.37
CA GLY A 314 3.19 2.95 -28.76
C GLY A 314 1.69 2.94 -28.97
N LEU A 315 0.90 3.16 -27.93
CA LEU A 315 -0.56 3.17 -28.04
C LEU A 315 -1.07 4.60 -27.99
N ASP A 316 -1.95 4.95 -28.92
CA ASP A 316 -2.56 6.27 -28.98
C ASP A 316 -3.72 6.32 -27.99
N ILE A 317 -3.55 7.08 -26.91
CA ILE A 317 -4.51 7.15 -25.82
C ILE A 317 -5.23 8.50 -25.88
N ALA A 318 -6.55 8.46 -25.99
CA ALA A 318 -7.35 9.68 -26.07
C ALA A 318 -7.58 10.29 -24.69
N ALA A 319 -7.82 11.60 -24.69
CA ALA A 319 -8.13 12.31 -23.45
C ALA A 319 -9.38 11.75 -22.81
N GLY A 320 -9.33 11.55 -21.49
CA GLY A 320 -10.44 10.96 -20.76
C GLY A 320 -10.38 9.45 -20.61
N THR A 321 -9.39 8.79 -21.21
CA THR A 321 -9.26 7.35 -21.07
C THR A 321 -8.62 7.00 -19.73
N VAL A 322 -9.13 5.96 -19.08
CA VAL A 322 -8.53 5.47 -17.85
C VAL A 322 -7.33 4.62 -18.20
N VAL A 323 -6.18 4.96 -17.62
CA VAL A 323 -4.94 4.19 -17.79
C VAL A 323 -4.60 3.57 -16.44
N MET A 324 -4.60 2.25 -16.37
CA MET A 324 -4.49 1.54 -15.10
C MET A 324 -3.13 0.85 -15.01
N VAL A 325 -2.32 1.29 -14.06
CA VAL A 325 -1.04 0.62 -13.79
C VAL A 325 -1.30 -0.57 -12.89
N LEU A 326 -0.73 -1.72 -13.25
CA LEU A 326 -0.83 -2.91 -12.39
C LEU A 326 0.54 -3.12 -11.76
N PRO A 327 0.81 -2.59 -10.56
CA PRO A 327 2.17 -2.68 -10.03
C PRO A 327 2.65 -4.10 -9.83
N GLY A 328 1.74 -5.03 -9.47
CA GLY A 328 2.14 -6.41 -9.31
C GLY A 328 2.51 -7.07 -10.63
N ALA A 329 1.90 -6.62 -11.74
CA ALA A 329 2.25 -7.11 -13.06
C ALA A 329 3.57 -6.54 -13.54
N ALA A 330 3.79 -5.24 -13.34
CA ALA A 330 5.08 -4.65 -13.66
C ALA A 330 6.22 -5.33 -12.91
N ASN A 331 5.94 -5.77 -11.68
CA ASN A 331 6.92 -6.46 -10.85
C ASN A 331 7.16 -7.89 -11.28
N ARG A 332 6.45 -8.38 -12.29
CA ARG A 332 6.73 -9.69 -12.88
C ARG A 332 7.05 -9.57 -14.37
N ASP A 333 7.44 -8.38 -14.83
CA ASP A 333 7.83 -8.17 -16.21
C ASP A 333 9.16 -8.89 -16.46
N PRO A 334 9.19 -9.93 -17.30
CA PRO A 334 10.45 -10.68 -17.48
C PRO A 334 11.55 -9.88 -18.13
N ARG A 335 11.23 -8.76 -18.79
CA ARG A 335 12.26 -7.85 -19.29
C ARG A 335 13.07 -7.23 -18.17
N ARG A 336 12.55 -7.24 -16.96
CA ARG A 336 13.24 -6.67 -15.80
C ARG A 336 13.60 -7.71 -14.75
N PHE A 337 12.76 -8.71 -14.52
CA PHE A 337 12.98 -9.70 -13.47
C PHE A 337 13.06 -11.09 -14.08
N GLU A 338 14.25 -11.68 -14.04
CA GLU A 338 14.43 -13.04 -14.52
C GLU A 338 13.70 -14.03 -13.62
N ASP A 339 13.04 -15.01 -14.24
CA ASP A 339 12.24 -16.00 -13.53
C ASP A 339 11.25 -15.31 -12.59
N PRO A 340 10.37 -14.45 -13.11
CA PRO A 340 9.65 -13.50 -12.23
C PRO A 340 8.65 -14.13 -11.31
N HIS A 341 8.20 -15.36 -11.58
CA HIS A 341 7.26 -16.03 -10.68
C HIS A 341 7.96 -16.79 -9.57
N GLU A 342 9.29 -16.75 -9.51
CA GLU A 342 10.07 -17.45 -8.49
C GLU A 342 10.38 -16.50 -7.34
N PHE A 343 10.02 -16.90 -6.13
CA PHE A 343 10.38 -16.16 -4.92
C PHE A 343 11.85 -16.43 -4.61
N ARG A 344 12.69 -15.41 -4.72
CA ARG A 344 14.13 -15.58 -4.56
C ARG A 344 14.70 -14.50 -3.64
N LEU A 345 15.40 -14.93 -2.59
CA LEU A 345 16.15 -14.05 -1.70
C LEU A 345 17.44 -13.54 -2.31
N ASP A 346 17.79 -13.98 -3.51
CA ASP A 346 19.08 -13.65 -4.11
C ASP A 346 19.00 -12.47 -5.07
N ARG A 347 17.81 -11.99 -5.41
CA ARG A 347 17.64 -11.00 -6.47
C ARG A 347 18.44 -9.72 -6.18
N PRO A 348 19.43 -9.41 -7.01
CA PRO A 348 20.21 -8.19 -6.78
C PRO A 348 19.46 -6.92 -7.12
N ASN A 349 18.44 -7.01 -7.98
CA ASN A 349 17.65 -5.85 -8.35
C ASN A 349 16.25 -5.87 -7.74
N VAL A 350 16.08 -6.59 -6.62
CA VAL A 350 14.76 -6.71 -6.01
C VAL A 350 14.24 -5.35 -5.56
N ARG A 351 15.14 -4.46 -5.13
CA ARG A 351 14.71 -3.14 -4.71
C ARG A 351 14.18 -2.28 -5.85
N GLU A 352 14.30 -2.75 -7.09
CA GLU A 352 13.78 -2.00 -8.23
C GLU A 352 12.30 -2.28 -8.48
N HIS A 353 11.65 -3.08 -7.64
CA HIS A 353 10.20 -3.28 -7.79
C HIS A 353 9.49 -1.94 -7.61
N MET A 354 8.24 -1.87 -8.08
CA MET A 354 7.45 -0.66 -8.04
CA MET A 354 7.48 -0.63 -7.99
C MET A 354 6.21 -0.81 -7.16
N ALA A 355 6.31 -1.60 -6.09
CA ALA A 355 5.15 -1.76 -5.21
C ALA A 355 4.73 -0.43 -4.59
N PHE A 356 5.67 0.50 -4.43
CA PHE A 356 5.38 1.82 -3.88
C PHE A 356 5.22 2.88 -4.96
N ALA A 357 5.09 2.47 -6.22
CA ALA A 357 4.94 3.37 -7.38
C ALA A 357 6.21 4.18 -7.63
N ARG A 358 6.08 5.21 -8.47
CA ARG A 358 7.19 6.08 -8.87
C ARG A 358 6.60 7.46 -9.10
N GLY A 359 7.47 8.46 -9.20
CA GLY A 359 7.01 9.81 -9.48
C GLY A 359 6.66 10.58 -8.23
N VAL A 360 5.94 11.69 -8.43
CA VAL A 360 5.64 12.59 -7.32
C VAL A 360 4.73 11.96 -6.28
N HIS A 361 3.96 10.93 -6.62
CA HIS A 361 3.11 10.24 -5.66
C HIS A 361 3.78 9.02 -5.04
N SER A 362 5.08 8.81 -5.28
CA SER A 362 5.79 7.68 -4.69
CA SER A 362 5.81 7.69 -4.68
C SER A 362 5.51 7.58 -3.19
N CYS A 363 5.19 6.36 -2.74
CA CYS A 363 4.67 6.16 -1.40
C CYS A 363 5.59 6.74 -0.33
N PRO A 364 5.13 7.74 0.44
CA PRO A 364 5.96 8.28 1.53
C PRO A 364 6.12 7.32 2.68
N GLY A 365 5.26 6.31 2.79
CA GLY A 365 5.38 5.30 3.80
C GLY A 365 6.19 4.09 3.39
N GLY A 366 6.83 4.13 2.23
CA GLY A 366 7.72 3.07 1.81
C GLY A 366 8.73 2.68 2.88
N PRO A 367 9.49 3.67 3.38
CA PRO A 367 10.46 3.36 4.45
C PRO A 367 9.81 2.82 5.71
N LEU A 368 8.64 3.35 6.07
CA LEU A 368 7.92 2.87 7.25
C LEU A 368 7.48 1.43 7.06
N ALA A 369 7.00 1.08 5.86
CA ALA A 369 6.50 -0.27 5.64
C ALA A 369 7.64 -1.28 5.67
N ARG A 370 8.78 -0.92 5.08
CA ARG A 370 9.95 -1.80 5.12
C ARG A 370 10.38 -2.09 6.55
N VAL A 371 10.36 -1.05 7.39
CA VAL A 371 10.81 -1.23 8.77
C VAL A 371 9.79 -2.03 9.57
N GLU A 372 8.50 -1.77 9.36
CA GLU A 372 7.46 -2.59 10.01
C GLU A 372 7.66 -4.06 9.67
N GLY A 373 7.95 -4.37 8.41
CA GLY A 373 8.20 -5.75 8.03
C GLY A 373 9.42 -6.35 8.70
N ARG A 374 10.53 -5.60 8.71
CA ARG A 374 11.77 -6.15 9.28
C ARG A 374 11.64 -6.34 10.79
N VAL A 375 11.15 -5.32 11.50
CA VAL A 375 11.09 -5.43 12.96
C VAL A 375 10.08 -6.48 13.38
N SER A 376 8.92 -6.52 12.71
CA SER A 376 7.92 -7.54 13.02
C SER A 376 8.50 -8.94 12.87
N LEU A 377 9.14 -9.22 11.74
CA LEU A 377 9.67 -10.57 11.54
C LEU A 377 10.84 -10.86 12.46
N GLU A 378 11.64 -9.85 12.84
CA GLU A 378 12.71 -10.10 13.81
C GLU A 378 12.18 -10.68 15.10
N ARG A 379 11.19 -10.00 15.70
CA ARG A 379 10.66 -10.47 16.97
C ARG A 379 9.78 -11.69 16.79
N ILE A 380 9.10 -11.80 15.64
CA ILE A 380 8.34 -13.01 15.33
C ILE A 380 9.25 -14.23 15.32
N LEU A 381 10.38 -14.14 14.60
CA LEU A 381 11.31 -15.26 14.54
C LEU A 381 11.95 -15.52 15.90
N ASP A 382 12.24 -14.45 16.65
CA ASP A 382 12.80 -14.62 17.99
C ASP A 382 11.85 -15.40 18.89
N ARG A 383 10.56 -15.10 18.83
CA ARG A 383 9.62 -15.60 19.82
C ARG A 383 8.74 -16.74 19.32
N MET A 384 8.76 -17.04 18.02
CA MET A 384 7.99 -18.14 17.43
C MET A 384 8.95 -19.13 16.79
N LEU A 385 9.08 -20.31 17.37
CA LEU A 385 9.77 -21.40 16.72
C LEU A 385 8.76 -22.16 15.85
N ASP A 386 9.25 -22.72 14.75
CA ASP A 386 8.47 -23.67 13.96
C ASP A 386 7.16 -23.06 13.48
N ILE A 387 7.27 -21.91 12.82
CA ILE A 387 6.09 -21.22 12.28
C ILE A 387 5.53 -22.03 11.13
N ALA A 388 4.22 -22.31 11.18
CA ALA A 388 3.59 -23.15 10.18
C ALA A 388 2.19 -22.63 9.88
N ILE A 389 1.65 -23.06 8.76
CA ILE A 389 0.28 -22.75 8.39
C ILE A 389 -0.63 -23.78 9.03
N ASN A 390 -1.76 -23.34 9.57
CA ASN A 390 -2.75 -24.24 10.16
C ASN A 390 -3.39 -25.09 9.07
N GLU A 391 -3.22 -26.42 9.17
CA GLU A 391 -3.71 -27.30 8.11
C GLU A 391 -5.19 -27.57 8.24
N ASP A 392 -5.76 -27.50 9.45
CA ASP A 392 -7.20 -27.63 9.58
C ASP A 392 -7.92 -26.49 8.89
N ARG A 393 -7.31 -25.32 8.84
CA ARG A 393 -7.90 -24.14 8.23
C ARG A 393 -7.50 -23.94 6.78
N HIS A 394 -6.30 -24.40 6.40
CA HIS A 394 -5.77 -24.10 5.08
C HIS A 394 -5.30 -25.31 4.29
N GLY A 395 -5.43 -26.53 4.82
CA GLY A 395 -5.04 -27.71 4.08
C GLY A 395 -3.54 -27.94 4.04
N PRO A 396 -3.10 -28.93 3.25
CA PRO A 396 -1.69 -29.31 3.22
C PRO A 396 -0.83 -28.30 2.46
N ALA A 397 0.49 -28.45 2.64
CA ALA A 397 1.42 -27.43 2.15
C ALA A 397 1.41 -27.31 0.63
N ASP A 398 1.09 -28.39 -0.09
CA ASP A 398 1.02 -28.31 -1.55
C ASP A 398 -0.41 -28.33 -2.06
N ASP A 399 -1.38 -28.04 -1.20
CA ASP A 399 -2.77 -27.92 -1.63
C ASP A 399 -3.49 -26.95 -0.69
N ARG A 400 -2.96 -25.72 -0.60
CA ARG A 400 -3.47 -24.75 0.36
C ARG A 400 -4.80 -24.17 -0.08
N ARG A 401 -5.62 -23.81 0.91
CA ARG A 401 -6.90 -23.16 0.71
C ARG A 401 -6.80 -21.76 1.33
N TYR A 402 -6.49 -20.77 0.49
CA TYR A 402 -6.37 -19.38 0.89
C TYR A 402 -7.51 -18.57 0.28
N THR A 403 -7.85 -17.46 0.92
CA THR A 403 -8.88 -16.55 0.42
C THR A 403 -8.28 -15.16 0.32
N TYR A 404 -8.35 -14.57 -0.86
CA TYR A 404 -7.88 -13.21 -1.09
C TYR A 404 -9.05 -12.25 -1.14
N GLU A 405 -8.78 -11.00 -0.74
CA GLU A 405 -9.82 -9.98 -0.65
C GLU A 405 -10.49 -9.81 -2.03
N PRO A 406 -11.82 -9.75 -2.09
CA PRO A 406 -12.51 -9.66 -3.40
C PRO A 406 -12.51 -8.24 -3.94
N THR A 407 -11.33 -7.78 -4.34
N THR A 407 -11.32 -7.77 -4.33
CA THR A 407 -11.18 -6.42 -4.84
CA THR A 407 -11.14 -6.41 -4.80
C THR A 407 -10.13 -6.42 -5.94
C THR A 407 -10.11 -6.41 -5.93
N TYR A 408 -10.33 -5.55 -6.93
CA TYR A 408 -9.37 -5.38 -8.01
C TYR A 408 -8.29 -4.36 -7.70
N ILE A 409 -8.42 -3.63 -6.59
CA ILE A 409 -7.41 -2.63 -6.25
C ILE A 409 -6.37 -3.12 -5.23
N LEU A 410 -6.70 -4.11 -4.40
CA LEU A 410 -5.81 -4.57 -3.33
CA LEU A 410 -5.79 -4.57 -3.36
C LEU A 410 -5.54 -6.06 -3.47
N ARG A 411 -4.30 -6.47 -3.23
CA ARG A 411 -3.90 -7.87 -3.17
C ARG A 411 -3.59 -8.22 -1.73
N GLY A 412 -4.42 -9.04 -1.11
CA GLY A 412 -4.14 -9.44 0.26
C GLY A 412 -5.01 -10.57 0.75
N LEU A 413 -4.51 -11.37 1.69
CA LEU A 413 -5.29 -12.42 2.30
C LEU A 413 -6.41 -11.84 3.16
N THR A 414 -7.55 -12.53 3.19
CA THR A 414 -8.60 -12.11 4.12
C THR A 414 -8.28 -12.53 5.54
N GLU A 415 -7.56 -13.64 5.72
CA GLU A 415 -7.23 -14.23 7.01
C GLU A 415 -6.09 -15.21 6.79
N LEU A 416 -5.28 -15.41 7.83
CA LEU A 416 -4.18 -16.39 7.76
C LEU A 416 -3.99 -17.01 9.13
N HIS A 417 -4.39 -18.28 9.26
CA HIS A 417 -4.30 -18.99 10.52
C HIS A 417 -2.97 -19.73 10.57
N ILE A 418 -2.16 -19.41 11.58
CA ILE A 418 -0.82 -19.98 11.69
C ILE A 418 -0.67 -20.67 13.03
N THR A 419 0.30 -21.59 13.10
CA THR A 419 0.69 -22.25 14.33
C THR A 419 2.19 -22.04 14.55
N PHE A 420 2.61 -22.21 15.80
CA PHE A 420 3.98 -21.94 16.18
C PHE A 420 4.22 -22.48 17.57
N THR A 421 5.49 -22.78 17.86
CA THR A 421 5.90 -23.14 19.20
C THR A 421 6.46 -21.91 19.89
N PRO A 422 5.85 -21.43 20.97
CA PRO A 422 6.41 -20.25 21.65
C PRO A 422 7.82 -20.52 22.13
N ALA A 423 8.69 -19.52 21.95
CA ALA A 423 10.07 -19.65 22.38
C ALA A 423 10.24 -19.47 23.88
N GLY A 424 9.28 -18.83 24.55
CA GLY A 424 9.35 -18.62 25.98
C GLY A 424 8.69 -19.75 26.78
#